data_7T8H
#
_entry.id   7T8H
#
_cell.length_a   38.540
_cell.length_b   68.478
_cell.length_c   49.965
_cell.angle_alpha   90.000
_cell.angle_beta   105.024
_cell.angle_gamma   90.000
#
_symmetry.space_group_name_H-M   'P 1 21 1'
#
loop_
_entity.id
_entity.type
_entity.pdbx_description
1 polymer 'Superoxide dismutase [Cu-Zn]'
2 non-polymer 'ZINC ION'
3 non-polymer 'ACETATE ION'
4 non-polymer ~{N}-[(6-methoxypyridin-3-yl)methyl]-2-selanyl-benzamide
5 non-polymer 'SULFATE ION'
6 water water
#
_entity_poly.entity_id   1
_entity_poly.type   'polypeptide(L)'
_entity_poly.pdbx_seq_one_letter_code
;ATKAVCVLKGDGPVQGIINFEQKESNGPVKVWGSIKGLTEGLHGFHVHEFGDNTAGCTSAGPHFNPLSRKHGGPKDEERH
VGDLGNVTADKDAVADVSIEDSVISLSGDHCIIGRTLVVHEKADDLGKGGNEESTKTGNAGSRLACGVIGIAQ
;
_entity_poly.pdbx_strand_id   A,F
#
# COMPACT_ATOMS: atom_id res chain seq x y z
N ALA A 1 -9.28 11.00 14.73
CA ALA A 1 -8.95 11.28 13.29
C ALA A 1 -8.04 10.18 12.71
N THR A 2 -8.35 9.72 11.51
CA THR A 2 -7.63 8.66 10.77
C THR A 2 -6.81 9.36 9.67
N LYS A 3 -5.61 8.85 9.41
CA LYS A 3 -4.71 9.41 8.38
C LYS A 3 -4.24 8.28 7.48
N ALA A 4 -4.03 8.59 6.20
CA ALA A 4 -3.48 7.63 5.25
C ALA A 4 -2.55 8.40 4.34
N VAL A 5 -1.75 7.69 3.59
CA VAL A 5 -0.72 8.35 2.75
C VAL A 5 -0.49 7.48 1.53
N CYS A 6 -0.07 8.11 0.45
CA CYS A 6 0.22 7.42 -0.81
C CYS A 6 1.43 8.09 -1.45
N VAL A 7 2.43 7.28 -1.75
CA VAL A 7 3.61 7.74 -2.53
C VAL A 7 3.37 7.34 -3.98
N LEU A 8 3.23 8.32 -4.88
CA LEU A 8 2.99 8.08 -6.32
C LEU A 8 4.33 7.94 -7.05
N LYS A 9 4.54 6.83 -7.72
CA LYS A 9 5.74 6.57 -8.57
C LYS A 9 5.29 5.88 -9.84
N GLY A 10 6.05 6.02 -10.91
CA GLY A 10 5.75 5.32 -12.17
C GLY A 10 7.01 5.06 -12.95
N ASP A 11 6.87 4.88 -14.26
CA ASP A 11 8.00 4.52 -15.17
C ASP A 11 8.65 5.79 -15.72
N GLY A 12 8.00 6.95 -15.60
CA GLY A 12 8.50 8.22 -16.16
C GLY A 12 8.85 9.25 -15.09
N PRO A 13 8.72 10.56 -15.40
CA PRO A 13 9.11 11.61 -14.46
C PRO A 13 8.10 11.94 -13.35
N VAL A 14 6.95 11.28 -13.33
CA VAL A 14 5.83 11.71 -12.46
C VAL A 14 6.01 11.07 -11.08
N GLN A 15 6.05 11.90 -10.05
CA GLN A 15 6.31 11.47 -8.66
C GLN A 15 5.49 12.37 -7.75
N GLY A 16 4.85 11.83 -6.72
CA GLY A 16 4.12 12.70 -5.79
C GLY A 16 3.91 12.05 -4.44
N ILE A 17 3.39 12.83 -3.52
CA ILE A 17 3.06 12.34 -2.16
C ILE A 17 1.70 12.92 -1.86
N ILE A 18 0.73 12.06 -1.55
CA ILE A 18 -0.65 12.50 -1.28
C ILE A 18 -1.02 12.04 0.13
N ASN A 19 -1.51 12.98 0.94
CA ASN A 19 -1.96 12.72 2.33
C ASN A 19 -3.49 12.67 2.35
N PHE A 20 -4.06 11.83 3.19
CA PHE A 20 -5.50 11.74 3.47
C PHE A 20 -5.75 11.93 4.96
N GLU A 21 -6.76 12.71 5.32
CA GLU A 21 -7.14 12.82 6.76
C GLU A 21 -8.65 12.83 6.87
N GLN A 22 -9.18 12.07 7.82
CA GLN A 22 -10.64 12.01 8.07
C GLN A 22 -10.85 12.23 9.58
N LYS A 23 -11.39 13.38 9.95
CA LYS A 23 -11.60 13.80 11.36
C LYS A 23 -12.62 12.88 12.04
N GLU A 24 -13.68 12.54 11.33
CA GLU A 24 -14.84 11.77 11.85
C GLU A 24 -15.16 10.61 10.90
N SER A 25 -15.52 9.44 11.44
CA SER A 25 -15.78 8.18 10.68
C SER A 25 -16.86 8.42 9.61
N ASN A 26 -17.78 9.35 9.84
CA ASN A 26 -18.90 9.66 8.92
C ASN A 26 -18.57 10.90 8.07
N GLY A 27 -17.33 11.38 8.13
CA GLY A 27 -17.01 12.77 7.77
C GLY A 27 -16.26 12.84 6.44
N PRO A 28 -16.08 14.06 5.89
CA PRO A 28 -15.28 14.25 4.68
C PRO A 28 -13.81 13.89 4.88
N VAL A 29 -13.17 13.51 3.78
CA VAL A 29 -11.73 13.19 3.74
C VAL A 29 -11.05 14.36 3.05
N LYS A 30 -10.04 14.93 3.71
CA LYS A 30 -9.16 15.95 3.12
C LYS A 30 -8.03 15.19 2.40
N VAL A 31 -7.77 15.59 1.18
CA VAL A 31 -6.73 14.97 0.31
C VAL A 31 -5.79 16.10 -0.11
N TRP A 32 -4.51 16.00 0.18
CA TRP A 32 -3.58 17.10 -0.15
C TRP A 32 -2.17 16.57 -0.36
N GLY A 33 -1.43 17.31 -1.17
CA GLY A 33 -0.02 17.01 -1.40
C GLY A 33 0.41 17.61 -2.70
N SER A 34 1.40 17.02 -3.33
CA SER A 34 2.08 17.60 -4.51
C SER A 34 2.46 16.48 -5.45
N ILE A 35 2.32 16.73 -6.74
CA ILE A 35 2.75 15.80 -7.82
C ILE A 35 3.61 16.62 -8.78
N LYS A 36 4.82 16.12 -9.06
CA LYS A 36 5.74 16.80 -9.99
C LYS A 36 5.89 15.96 -11.26
N GLY A 37 6.35 16.59 -12.33
CA GLY A 37 6.63 15.93 -13.61
C GLY A 37 5.44 15.83 -14.54
N LEU A 38 4.34 16.51 -14.23
CA LEU A 38 3.10 16.46 -15.04
C LEU A 38 3.15 17.48 -16.17
N THR A 39 2.63 17.11 -17.32
CA THR A 39 2.35 18.04 -18.43
C THR A 39 1.29 19.06 -17.98
N GLU A 40 1.38 20.29 -18.46
CA GLU A 40 0.40 21.35 -18.15
C GLU A 40 -1.00 20.88 -18.51
N GLY A 41 -1.96 21.08 -17.60
CA GLY A 41 -3.37 20.79 -17.86
C GLY A 41 -3.90 19.79 -16.85
N LEU A 42 -5.03 19.19 -17.18
CA LEU A 42 -5.78 18.30 -16.27
C LEU A 42 -5.22 16.89 -16.38
N HIS A 43 -5.21 16.20 -15.25
CA HIS A 43 -4.82 14.78 -15.16
C HIS A 43 -5.82 14.04 -14.30
N GLY A 44 -6.44 13.00 -14.86
CA GLY A 44 -7.38 12.17 -14.11
C GLY A 44 -6.76 11.66 -12.83
N PHE A 45 -7.54 11.66 -11.76
CA PHE A 45 -7.05 11.37 -10.39
C PHE A 45 -8.03 10.41 -9.74
N HIS A 46 -7.67 9.13 -9.64
CA HIS A 46 -8.66 8.11 -9.24
C HIS A 46 -8.09 7.13 -8.22
N VAL A 47 -8.98 6.65 -7.37
CA VAL A 47 -8.69 5.43 -6.59
C VAL A 47 -9.15 4.25 -7.44
N HIS A 48 -8.23 3.33 -7.68
CA HIS A 48 -8.49 2.09 -8.43
C HIS A 48 -8.69 0.92 -7.46
N GLU A 49 -9.33 -0.13 -7.95
CA GLU A 49 -9.90 -1.19 -7.09
C GLU A 49 -8.80 -1.92 -6.30
N PHE A 50 -7.70 -2.28 -6.94
CA PHE A 50 -6.71 -3.18 -6.32
C PHE A 50 -5.48 -2.38 -5.89
N GLY A 51 -4.97 -2.70 -4.71
CA GLY A 51 -3.66 -2.22 -4.25
C GLY A 51 -2.58 -3.14 -4.78
N ASP A 52 -2.66 -3.50 -6.06
CA ASP A 52 -1.73 -4.45 -6.71
C ASP A 52 -0.89 -3.67 -7.71
N ASN A 53 0.42 -3.61 -7.49
CA ASN A 53 1.32 -2.92 -8.44
C ASN A 53 2.35 -3.94 -8.95
N THR A 54 1.95 -5.20 -9.00
CA THR A 54 2.80 -6.34 -9.46
C THR A 54 3.46 -5.96 -10.79
N ALA A 55 2.69 -5.52 -11.76
CA ALA A 55 3.24 -5.23 -13.11
C ALA A 55 3.16 -3.72 -13.38
N GLY A 56 3.24 -2.91 -12.34
CA GLY A 56 3.06 -1.44 -12.40
C GLY A 56 1.60 -1.07 -12.22
N CYS A 57 1.23 0.13 -12.65
CA CYS A 57 -0.07 0.75 -12.35
C CYS A 57 -1.21 0.01 -13.05
N THR A 58 -0.95 -0.70 -14.14
CA THR A 58 -1.98 -1.50 -14.84
C THR A 58 -2.60 -2.51 -13.88
N SER A 59 -1.82 -3.06 -12.94
CA SER A 59 -2.29 -4.14 -12.03
C SER A 59 -3.40 -3.64 -11.10
N ALA A 60 -3.59 -2.32 -10.96
CA ALA A 60 -4.56 -1.72 -10.02
C ALA A 60 -5.98 -1.92 -10.50
N GLY A 61 -6.17 -2.33 -11.75
CA GLY A 61 -7.53 -2.62 -12.25
C GLY A 61 -8.36 -1.35 -12.45
N PRO A 62 -9.69 -1.49 -12.47
CA PRO A 62 -10.57 -0.38 -12.81
C PRO A 62 -10.75 0.57 -11.62
N HIS A 63 -11.52 1.65 -11.82
CA HIS A 63 -11.81 2.58 -10.72
C HIS A 63 -12.51 1.82 -9.61
N PHE A 64 -12.22 2.18 -8.38
CA PHE A 64 -12.86 1.56 -7.18
C PHE A 64 -14.34 1.92 -7.22
N ASN A 65 -15.18 0.89 -7.32
CA ASN A 65 -16.62 1.05 -7.66
C ASN A 65 -17.46 0.04 -6.88
N PRO A 66 -17.42 0.09 -5.55
CA PRO A 66 -18.16 -0.89 -4.74
C PRO A 66 -19.68 -0.81 -4.95
N LEU A 67 -20.22 0.34 -5.39
CA LEU A 67 -21.69 0.50 -5.55
C LEU A 67 -22.14 0.28 -7.00
N SER A 68 -21.27 -0.20 -7.88
CA SER A 68 -21.65 -0.54 -9.28
C SER A 68 -22.32 0.63 -9.99
N ARG A 69 -21.72 1.81 -9.89
CA ARG A 69 -22.22 3.04 -10.56
C ARG A 69 -21.42 3.28 -11.84
N LYS A 70 -21.85 4.25 -12.62
CA LYS A 70 -21.12 4.76 -13.80
C LYS A 70 -20.08 5.78 -13.33
N HIS A 71 -19.08 6.00 -14.15
CA HIS A 71 -18.02 7.00 -13.91
C HIS A 71 -18.64 8.39 -13.89
N GLY A 72 -18.12 9.24 -13.02
CA GLY A 72 -18.51 10.66 -12.95
C GLY A 72 -17.46 11.49 -12.30
N GLY A 73 -17.78 12.75 -12.08
CA GLY A 73 -16.92 13.69 -11.35
C GLY A 73 -17.21 13.64 -9.86
N PRO A 74 -16.30 14.18 -9.03
CA PRO A 74 -16.42 14.10 -7.59
C PRO A 74 -17.68 14.79 -7.05
N LYS A 75 -18.19 15.77 -7.76
CA LYS A 75 -19.40 16.55 -7.36
C LYS A 75 -20.67 15.88 -7.92
N ASP A 76 -20.58 14.74 -8.60
CA ASP A 76 -21.76 14.05 -9.19
C ASP A 76 -22.27 13.00 -8.21
N GLU A 77 -23.58 12.75 -8.19
CA GLU A 77 -24.13 11.62 -7.41
C GLU A 77 -23.75 10.32 -8.12
N GLU A 78 -23.88 10.30 -9.44
CA GLU A 78 -23.52 9.12 -10.26
C GLU A 78 -22.01 9.17 -10.48
N ARG A 79 -21.29 8.43 -9.67
CA ARG A 79 -19.82 8.39 -9.74
C ARG A 79 -19.39 7.08 -9.12
N HIS A 80 -18.19 6.64 -9.46
CA HIS A 80 -17.47 5.60 -8.71
C HIS A 80 -16.99 6.21 -7.40
N VAL A 81 -16.91 5.41 -6.34
CA VAL A 81 -16.29 5.89 -5.07
C VAL A 81 -14.91 6.49 -5.39
N GLY A 82 -14.17 5.86 -6.32
CA GLY A 82 -12.77 6.28 -6.60
C GLY A 82 -12.64 7.51 -7.47
N ASP A 83 -13.74 8.16 -7.84
CA ASP A 83 -13.71 9.27 -8.82
C ASP A 83 -13.36 10.57 -8.12
N LEU A 84 -12.07 10.94 -8.12
CA LEU A 84 -11.62 12.22 -7.49
C LEU A 84 -11.36 13.31 -8.54
N GLY A 85 -11.77 13.09 -9.79
CA GLY A 85 -11.75 14.15 -10.81
C GLY A 85 -10.39 14.32 -11.40
N ASN A 86 -9.90 15.55 -11.41
CA ASN A 86 -8.61 15.92 -12.05
C ASN A 86 -7.75 16.68 -11.08
N VAL A 87 -6.45 16.49 -11.21
CA VAL A 87 -5.46 17.44 -10.63
C VAL A 87 -4.96 18.29 -11.80
N THR A 88 -4.61 19.53 -11.55
CA THR A 88 -4.22 20.48 -12.61
C THR A 88 -2.76 20.86 -12.41
N ALA A 89 -1.97 20.67 -13.46
CA ALA A 89 -0.55 21.04 -13.44
C ALA A 89 -0.39 22.33 -14.25
N ASP A 90 0.50 23.18 -13.77
CA ASP A 90 0.87 24.43 -14.47
C ASP A 90 2.07 24.16 -15.37
N LYS A 91 2.64 25.20 -15.97
CA LYS A 91 3.86 25.04 -16.81
C LYS A 91 5.04 24.53 -15.98
N ASP A 92 5.05 24.75 -14.66
CA ASP A 92 6.13 24.28 -13.74
C ASP A 92 6.08 22.74 -13.58
N ALA A 93 5.07 22.07 -14.14
CA ALA A 93 4.90 20.59 -14.15
C ALA A 93 4.46 20.09 -12.77
N VAL A 94 4.03 20.99 -11.90
CA VAL A 94 3.58 20.64 -10.52
C VAL A 94 2.06 20.80 -10.41
N ALA A 95 1.40 19.80 -9.85
CA ALA A 95 0.02 19.95 -9.36
C ALA A 95 0.08 20.03 -7.84
N ASP A 96 -0.37 21.16 -7.30
CA ASP A 96 -0.75 21.31 -5.87
C ASP A 96 -2.09 20.61 -5.71
N VAL A 97 -2.18 19.58 -4.87
CA VAL A 97 -3.47 18.89 -4.66
C VAL A 97 -4.08 19.38 -3.34
N SER A 98 -5.34 19.79 -3.40
CA SER A 98 -6.15 20.20 -2.24
C SER A 98 -7.61 19.90 -2.57
N ILE A 99 -8.09 18.79 -2.03
CA ILE A 99 -9.42 18.18 -2.32
C ILE A 99 -10.09 17.91 -0.98
N GLU A 100 -11.40 18.10 -0.89
CA GLU A 100 -12.18 17.51 0.21
C GLU A 100 -13.23 16.64 -0.45
N ASP A 101 -13.36 15.39 -0.05
CA ASP A 101 -14.33 14.47 -0.69
C ASP A 101 -15.17 13.79 0.40
N SER A 102 -16.48 13.69 0.15
CA SER A 102 -17.51 13.13 1.06
C SER A 102 -17.81 11.67 0.76
N VAL A 103 -17.36 11.13 -0.37
CA VAL A 103 -17.73 9.76 -0.80
C VAL A 103 -16.63 8.78 -0.41
N ILE A 104 -15.36 9.08 -0.68
CA ILE A 104 -14.27 8.20 -0.17
C ILE A 104 -14.32 8.23 1.35
N SER A 105 -13.67 7.23 1.96
CA SER A 105 -13.57 7.16 3.43
C SER A 105 -12.26 6.48 3.78
N LEU A 106 -11.85 6.60 5.03
CA LEU A 106 -10.72 5.84 5.60
C LEU A 106 -11.28 4.81 6.59
N SER A 107 -12.61 4.61 6.63
CA SER A 107 -13.24 3.47 7.34
C SER A 107 -14.42 2.90 6.54
N GLY A 108 -14.85 1.68 6.84
CA GLY A 108 -16.12 1.13 6.30
C GLY A 108 -15.98 0.65 4.87
N ASP A 109 -17.09 0.44 4.17
CA ASP A 109 -17.11 -0.24 2.84
CA ASP A 109 -17.11 -0.24 2.85
C ASP A 109 -16.57 0.70 1.75
N HIS A 110 -16.56 2.01 2.01
CA HIS A 110 -16.01 3.00 1.04
C HIS A 110 -14.53 3.22 1.35
N CYS A 111 -13.91 2.38 2.19
CA CYS A 111 -12.51 2.65 2.63
C CYS A 111 -11.55 2.46 1.45
N ILE A 112 -10.63 3.39 1.32
CA ILE A 112 -9.67 3.39 0.17
C ILE A 112 -8.29 2.88 0.61
N ILE A 113 -8.11 2.59 1.90
CA ILE A 113 -6.83 2.03 2.38
C ILE A 113 -6.63 0.67 1.70
N GLY A 114 -5.42 0.40 1.20
CA GLY A 114 -5.09 -0.86 0.54
C GLY A 114 -5.48 -0.87 -0.93
N ARG A 115 -6.02 0.24 -1.44
CA ARG A 115 -6.31 0.42 -2.88
C ARG A 115 -5.23 1.32 -3.48
N THR A 116 -5.27 1.52 -4.77
CA THR A 116 -4.21 2.27 -5.47
C THR A 116 -4.73 3.64 -5.89
N LEU A 117 -3.99 4.69 -5.61
CA LEU A 117 -4.25 6.02 -6.19
C LEU A 117 -3.44 6.12 -7.48
N VAL A 118 -4.05 6.62 -8.53
CA VAL A 118 -3.42 6.73 -9.87
C VAL A 118 -3.62 8.14 -10.39
N VAL A 119 -2.58 8.68 -10.98
CA VAL A 119 -2.65 9.94 -11.75
C VAL A 119 -2.44 9.59 -13.21
N HIS A 120 -3.33 10.09 -14.04
CA HIS A 120 -3.49 9.68 -15.46
C HIS A 120 -2.86 10.67 -16.44
N GLU A 121 -2.66 10.20 -17.66
CA GLU A 121 -2.01 10.90 -18.80
C GLU A 121 -2.82 12.15 -19.19
N LYS A 122 -4.13 12.00 -19.29
CA LYS A 122 -5.05 12.98 -19.92
C LYS A 122 -6.09 13.44 -18.91
N ALA A 123 -6.91 14.40 -19.31
CA ALA A 123 -8.05 14.89 -18.53
C ALA A 123 -9.12 13.80 -18.42
N ASP A 124 -9.69 13.71 -17.22
CA ASP A 124 -10.96 13.02 -16.96
C ASP A 124 -12.09 13.95 -17.43
N ASP A 125 -12.95 13.46 -18.32
CA ASP A 125 -14.11 14.24 -18.84
C ASP A 125 -15.31 14.12 -17.89
N LEU A 126 -15.12 13.49 -16.73
CA LEU A 126 -16.11 13.42 -15.61
C LEU A 126 -17.40 12.81 -16.13
N GLY A 127 -17.29 11.89 -17.09
CA GLY A 127 -18.44 11.14 -17.66
C GLY A 127 -19.30 11.99 -18.59
N LYS A 128 -18.85 13.21 -18.94
CA LYS A 128 -19.60 14.16 -19.81
C LYS A 128 -19.08 14.12 -21.25
N GLY A 129 -18.25 13.13 -21.59
CA GLY A 129 -17.55 13.07 -22.90
C GLY A 129 -18.43 12.64 -24.06
N GLY A 130 -19.56 11.98 -23.80
CA GLY A 130 -20.52 11.58 -24.86
C GLY A 130 -20.13 10.31 -25.62
N ASN A 131 -19.05 9.61 -25.24
CA ASN A 131 -18.70 8.28 -25.80
C ASN A 131 -18.87 7.25 -24.67
N GLU A 132 -18.76 5.96 -24.98
CA GLU A 132 -19.03 4.85 -24.02
C GLU A 132 -17.96 4.86 -22.93
N GLU A 133 -16.71 5.11 -23.31
CA GLU A 133 -15.58 5.02 -22.34
C GLU A 133 -15.72 6.15 -21.32
N SER A 134 -16.39 7.26 -21.65
CA SER A 134 -16.57 8.41 -20.72
C SER A 134 -17.26 7.90 -19.44
N THR A 135 -18.20 6.96 -19.57
CA THR A 135 -19.02 6.36 -18.48
C THR A 135 -18.23 5.31 -17.70
N LYS A 136 -17.01 4.98 -18.11
CA LYS A 136 -16.20 3.92 -17.46
C LYS A 136 -14.92 4.53 -16.89
N THR A 137 -14.15 5.23 -17.72
CA THR A 137 -12.79 5.72 -17.34
C THR A 137 -12.70 7.25 -17.39
N GLY A 138 -13.66 7.94 -18.00
CA GLY A 138 -13.57 9.38 -18.26
C GLY A 138 -12.53 9.72 -19.32
N ASN A 139 -12.05 8.73 -20.08
CA ASN A 139 -11.09 8.91 -21.20
C ASN A 139 -9.78 9.55 -20.68
N ALA A 140 -9.36 9.21 -19.47
CA ALA A 140 -8.17 9.87 -18.85
C ALA A 140 -6.85 9.22 -19.28
N GLY A 141 -6.91 8.16 -20.08
CA GLY A 141 -5.73 7.58 -20.71
C GLY A 141 -4.88 6.80 -19.74
N SER A 142 -3.59 6.71 -20.04
CA SER A 142 -2.66 5.76 -19.39
C SER A 142 -2.31 6.25 -17.99
N ARG A 143 -1.62 5.41 -17.23
CA ARG A 143 -1.36 5.66 -15.80
C ARG A 143 0.06 6.15 -15.63
N LEU A 144 0.25 7.40 -15.23
CA LEU A 144 1.61 8.00 -15.16
C LEU A 144 2.33 7.58 -13.89
N ALA A 145 1.62 7.51 -12.77
CA ALA A 145 2.20 7.20 -11.46
C ALA A 145 1.09 6.68 -10.56
N CYS A 146 1.45 5.84 -9.61
CA CYS A 146 0.46 5.24 -8.70
C CYS A 146 1.15 4.79 -7.43
N GLY A 147 0.35 4.51 -6.43
CA GLY A 147 0.86 3.98 -5.16
C GLY A 147 -0.28 3.36 -4.37
N VAL A 148 0.07 2.49 -3.46
CA VAL A 148 -0.94 1.86 -2.59
C VAL A 148 -1.20 2.83 -1.45
N ILE A 149 -2.46 3.03 -1.11
CA ILE A 149 -2.85 3.91 0.01
C ILE A 149 -2.64 3.17 1.33
N GLY A 150 -1.77 3.71 2.18
CA GLY A 150 -1.34 3.05 3.43
C GLY A 150 -1.81 3.81 4.65
N ILE A 151 -1.87 3.12 5.79
CA ILE A 151 -2.20 3.72 7.10
C ILE A 151 -1.04 4.62 7.54
N ALA A 152 -1.35 5.83 7.99
CA ALA A 152 -0.32 6.81 8.39
C ALA A 152 -0.39 7.00 9.90
N GLN A 153 0.75 7.43 10.45
CA GLN A 153 0.90 7.77 11.88
C GLN A 153 0.05 9.00 12.21
N ALA B 1 -12.61 -16.14 -0.19
CA ALA B 1 -11.16 -15.95 0.12
C ALA B 1 -10.76 -14.50 -0.12
N THR B 2 -9.91 -13.95 0.75
CA THR B 2 -9.30 -12.60 0.62
C THR B 2 -7.86 -12.80 0.11
N LYS B 3 -7.44 -11.92 -0.79
CA LYS B 3 -6.06 -11.93 -1.33
C LYS B 3 -5.46 -10.55 -1.15
N ALA B 4 -4.15 -10.51 -0.92
CA ALA B 4 -3.43 -9.23 -0.85
C ALA B 4 -2.08 -9.44 -1.51
N VAL B 5 -1.40 -8.35 -1.78
CA VAL B 5 -0.11 -8.45 -2.51
C VAL B 5 0.77 -7.31 -2.03
N CYS B 6 2.08 -7.51 -2.10
CA CYS B 6 3.05 -6.50 -1.72
C CYS B 6 4.22 -6.57 -2.70
N VAL B 7 4.55 -5.44 -3.29
CA VAL B 7 5.76 -5.29 -4.13
C VAL B 7 6.86 -4.69 -3.27
N LEU B 8 7.93 -5.44 -3.02
CA LEU B 8 9.08 -4.98 -2.19
C LEU B 8 10.10 -4.28 -3.07
N LYS B 9 10.44 -3.04 -2.73
CA LYS B 9 11.50 -2.25 -3.41
C LYS B 9 12.24 -1.44 -2.34
N GLY B 10 13.47 -1.02 -2.60
CA GLY B 10 14.22 -0.18 -1.66
C GLY B 10 15.23 0.67 -2.39
N ASP B 11 16.30 1.06 -1.70
CA ASP B 11 17.33 1.98 -2.25
C ASP B 11 18.43 1.17 -2.95
N GLY B 12 18.50 -0.14 -2.72
CA GLY B 12 19.47 -1.05 -3.37
C GLY B 12 18.82 -2.03 -4.35
N PRO B 13 19.49 -3.17 -4.64
CA PRO B 13 19.00 -4.13 -5.62
C PRO B 13 17.93 -5.13 -5.13
N VAL B 14 17.45 -4.97 -3.90
CA VAL B 14 16.51 -5.97 -3.30
C VAL B 14 15.10 -5.67 -3.80
N GLN B 15 14.49 -6.65 -4.45
CA GLN B 15 13.14 -6.48 -5.01
C GLN B 15 12.40 -7.81 -4.92
N GLY B 16 11.11 -7.76 -4.63
CA GLY B 16 10.35 -9.00 -4.46
C GLY B 16 8.87 -8.77 -4.64
N ILE B 17 8.14 -9.86 -4.80
CA ILE B 17 6.67 -9.81 -4.88
C ILE B 17 6.18 -10.85 -3.89
N ILE B 18 5.35 -10.44 -2.93
CA ILE B 18 4.82 -11.36 -1.91
C ILE B 18 3.30 -11.36 -2.02
N ASN B 19 2.71 -12.55 -2.11
CA ASN B 19 1.26 -12.77 -2.20
C ASN B 19 0.76 -13.24 -0.85
N PHE B 20 -0.46 -12.83 -0.49
CA PHE B 20 -1.17 -13.29 0.72
C PHE B 20 -2.52 -13.86 0.32
N GLU B 21 -2.92 -14.97 0.95
CA GLU B 21 -4.27 -15.52 0.70
C GLU B 21 -4.83 -16.04 2.01
N GLN B 22 -6.08 -15.70 2.29
CA GLN B 22 -6.78 -16.17 3.51
C GLN B 22 -8.15 -16.72 3.08
N LYS B 23 -8.32 -18.04 3.15
CA LYS B 23 -9.55 -18.75 2.73
C LYS B 23 -10.77 -18.29 3.55
N GLU B 24 -10.60 -18.12 4.87
CA GLU B 24 -11.68 -17.74 5.82
C GLU B 24 -11.17 -16.62 6.73
N SER B 25 -12.02 -15.65 7.10
CA SER B 25 -11.64 -14.39 7.78
C SER B 25 -10.92 -14.69 9.11
N ASN B 26 -11.22 -15.81 9.74
CA ASN B 26 -10.65 -16.19 11.07
C ASN B 26 -9.46 -17.14 10.86
N GLY B 27 -9.14 -17.48 9.61
CA GLY B 27 -8.29 -18.63 9.24
C GLY B 27 -6.82 -18.24 9.01
N PRO B 28 -5.93 -19.22 8.80
CA PRO B 28 -4.52 -18.94 8.49
C PRO B 28 -4.35 -18.18 7.18
N VAL B 29 -3.27 -17.40 7.11
CA VAL B 29 -2.88 -16.63 5.91
C VAL B 29 -1.67 -17.34 5.30
N LYS B 30 -1.78 -17.71 4.04
CA LYS B 30 -0.63 -18.21 3.25
C LYS B 30 0.11 -17.00 2.68
N VAL B 31 1.42 -17.00 2.85
CA VAL B 31 2.32 -15.91 2.37
C VAL B 31 3.35 -16.57 1.46
N TRP B 32 3.46 -16.13 0.21
CA TRP B 32 4.43 -16.77 -0.71
C TRP B 32 4.89 -15.78 -1.76
N GLY B 33 6.07 -16.05 -2.28
CA GLY B 33 6.61 -15.27 -3.40
C GLY B 33 8.11 -15.38 -3.39
N SER B 34 8.77 -14.37 -3.94
CA SER B 34 10.22 -14.43 -4.21
C SER B 34 10.80 -13.06 -3.94
N ILE B 35 12.01 -13.04 -3.38
CA ILE B 35 12.80 -11.80 -3.16
C ILE B 35 14.18 -12.04 -3.75
N LYS B 36 14.62 -11.16 -4.63
CA LYS B 36 15.97 -11.27 -5.22
C LYS B 36 16.86 -10.13 -4.72
N GLY B 37 18.17 -10.33 -4.87
CA GLY B 37 19.19 -9.33 -4.50
C GLY B 37 19.63 -9.42 -3.06
N LEU B 38 19.26 -10.48 -2.34
CA LEU B 38 19.59 -10.63 -0.90
C LEU B 38 20.95 -11.30 -0.74
N THR B 39 21.67 -10.89 0.29
CA THR B 39 22.88 -11.60 0.77
C THR B 39 22.47 -12.98 1.31
N GLU B 40 23.34 -13.97 1.13
CA GLU B 40 23.09 -15.33 1.66
C GLU B 40 22.85 -15.26 3.18
N GLY B 41 21.80 -15.95 3.62
CA GLY B 41 21.51 -16.16 5.05
C GLY B 41 20.14 -15.65 5.39
N LEU B 42 19.91 -15.40 6.67
CA LEU B 42 18.58 -15.02 7.20
C LEU B 42 18.38 -13.51 7.04
N HIS B 43 17.15 -13.13 6.77
CA HIS B 43 16.72 -11.72 6.71
C HIS B 43 15.41 -11.57 7.46
N GLY B 44 15.38 -10.70 8.47
CA GLY B 44 14.15 -10.44 9.21
C GLY B 44 13.02 -10.04 8.28
N PHE B 45 11.82 -10.53 8.55
CA PHE B 45 10.66 -10.38 7.65
C PHE B 45 9.46 -9.99 8.48
N HIS B 46 9.05 -8.72 8.40
CA HIS B 46 8.06 -8.20 9.36
C HIS B 46 7.03 -7.33 8.68
N VAL B 47 5.83 -7.36 9.24
CA VAL B 47 4.84 -6.32 8.94
C VAL B 47 5.06 -5.20 9.95
N HIS B 48 5.26 -4.00 9.44
CA HIS B 48 5.44 -2.77 10.24
C HIS B 48 4.13 -2.00 10.31
N GLU B 49 4.02 -1.13 11.30
CA GLU B 49 2.74 -0.54 11.72
C GLU B 49 2.14 0.33 10.62
N PHE B 50 2.92 1.17 9.96
CA PHE B 50 2.38 2.18 9.02
C PHE B 50 2.64 1.74 7.59
N GLY B 51 1.66 1.96 6.73
CA GLY B 51 1.82 1.87 5.28
C GLY B 51 2.33 3.17 4.72
N ASP B 52 3.29 3.78 5.40
CA ASP B 52 3.84 5.11 5.02
C ASP B 52 5.26 4.90 4.49
N ASN B 53 5.47 5.20 3.22
CA ASN B 53 6.79 5.07 2.56
CA ASN B 53 6.82 5.06 2.62
C ASN B 53 7.29 6.45 2.15
N THR B 54 6.77 7.50 2.78
CA THR B 54 7.09 8.92 2.44
C THR B 54 8.60 9.08 2.30
N ALA B 55 9.37 8.65 3.29
CA ALA B 55 10.83 8.88 3.27
C ALA B 55 11.55 7.54 3.14
N GLY B 56 10.91 6.57 2.48
CA GLY B 56 11.40 5.20 2.32
C GLY B 56 10.89 4.32 3.45
N CYS B 57 11.55 3.18 3.66
CA CYS B 57 11.09 2.12 4.57
C CYS B 57 11.10 2.59 6.03
N THR B 58 11.93 3.58 6.38
CA THR B 58 11.99 4.11 7.76
CA THR B 58 11.99 4.11 7.77
C THR B 58 10.61 4.64 8.17
N SER B 59 9.84 5.20 7.23
CA SER B 59 8.53 5.82 7.53
C SER B 59 7.50 4.78 8.04
N ALA B 60 7.76 3.49 7.85
CA ALA B 60 6.80 2.40 8.22
C ALA B 60 6.74 2.25 9.74
N GLY B 61 7.67 2.83 10.48
CA GLY B 61 7.60 2.75 11.94
C GLY B 61 7.97 1.36 12.45
N PRO B 62 7.56 1.04 13.70
CA PRO B 62 7.95 -0.21 14.34
C PRO B 62 7.15 -1.41 13.82
N HIS B 63 7.43 -2.60 14.32
CA HIS B 63 6.67 -3.81 13.97
C HIS B 63 5.21 -3.57 14.34
N PHE B 64 4.30 -4.09 13.53
CA PHE B 64 2.84 -4.02 13.79
C PHE B 64 2.55 -4.80 15.08
N ASN B 65 2.06 -4.10 16.09
CA ASN B 65 1.96 -4.64 17.47
C ASN B 65 0.69 -4.16 18.15
N PRO B 66 -0.48 -4.52 17.59
CA PRO B 66 -1.74 -4.02 18.14
C PRO B 66 -1.98 -4.49 19.57
N LEU B 67 -1.39 -5.60 20.00
CA LEU B 67 -1.65 -6.20 21.34
C LEU B 67 -0.59 -5.76 22.36
N SER B 68 0.34 -4.87 22.00
CA SER B 68 1.34 -4.34 22.96
C SER B 68 2.16 -5.47 23.58
N ARG B 69 2.62 -6.42 22.78
CA ARG B 69 3.46 -7.57 23.22
CA ARG B 69 3.46 -7.55 23.24
C ARG B 69 4.93 -7.28 22.91
N LYS B 70 5.80 -8.16 23.37
CA LYS B 70 7.25 -8.11 23.04
C LYS B 70 7.48 -8.83 21.71
N HIS B 71 8.60 -8.51 21.08
CA HIS B 71 9.03 -9.15 19.82
C HIS B 71 9.25 -10.64 20.05
N GLY B 72 8.90 -11.45 19.08
CA GLY B 72 9.18 -12.90 19.09
C GLY B 72 9.23 -13.48 17.70
N GLY B 73 9.30 -14.80 17.64
CA GLY B 73 9.20 -15.56 16.38
C GLY B 73 7.75 -15.91 16.09
N PRO B 74 7.46 -16.30 14.83
CA PRO B 74 6.10 -16.57 14.40
C PRO B 74 5.45 -17.70 15.20
N LYS B 75 6.24 -18.65 15.68
CA LYS B 75 5.72 -19.81 16.45
C LYS B 75 5.52 -19.47 17.93
N ASP B 76 5.88 -18.27 18.38
CA ASP B 76 5.79 -17.88 19.82
C ASP B 76 4.42 -17.30 20.14
N GLU B 77 3.90 -17.51 21.35
CA GLU B 77 2.68 -16.79 21.79
C GLU B 77 3.05 -15.32 22.03
N GLU B 78 4.21 -15.08 22.64
CA GLU B 78 4.71 -13.71 22.90
C GLU B 78 5.38 -13.24 21.61
N ARG B 79 4.66 -12.49 20.82
CA ARG B 79 5.17 -11.95 19.53
C ARG B 79 4.34 -10.73 19.19
N HIS B 80 4.87 -9.88 18.34
CA HIS B 80 4.09 -8.85 17.64
C HIS B 80 3.26 -9.55 16.57
N VAL B 81 2.08 -9.03 16.26
CA VAL B 81 1.31 -9.56 15.09
C VAL B 81 2.21 -9.56 13.85
N GLY B 82 3.06 -8.55 13.67
CA GLY B 82 3.85 -8.42 12.43
C GLY B 82 5.08 -9.32 12.37
N ASP B 83 5.29 -10.17 13.37
CA ASP B 83 6.53 -10.98 13.48
C ASP B 83 6.43 -12.22 12.61
N LEU B 84 6.94 -12.17 11.37
CA LEU B 84 6.92 -13.32 10.44
C LEU B 84 8.30 -14.00 10.37
N GLY B 85 9.20 -13.67 11.28
CA GLY B 85 10.47 -14.42 11.40
C GLY B 85 11.49 -13.97 10.38
N ASN B 86 12.05 -14.94 9.67
CA ASN B 86 13.13 -14.70 8.67
C ASN B 86 12.76 -15.33 7.34
N VAL B 87 13.21 -14.71 6.28
CA VAL B 87 13.31 -15.38 4.94
C VAL B 87 14.78 -15.70 4.75
N THR B 88 15.07 -16.76 4.00
CA THR B 88 16.46 -17.27 3.85
C THR B 88 16.83 -17.15 2.38
N ALA B 89 17.95 -16.47 2.14
CA ALA B 89 18.50 -16.35 0.78
C ALA B 89 19.68 -17.33 0.66
N ASP B 90 19.77 -17.95 -0.51
CA ASP B 90 20.91 -18.83 -0.86
C ASP B 90 21.99 -17.99 -1.53
N LYS B 91 23.03 -18.63 -2.05
CA LYS B 91 24.11 -17.94 -2.79
C LYS B 91 23.56 -17.28 -4.05
N ASP B 92 22.45 -17.75 -4.60
CA ASP B 92 21.83 -17.17 -5.82
C ASP B 92 21.17 -15.80 -5.52
N ALA B 93 21.17 -15.38 -4.24
CA ALA B 93 20.64 -14.08 -3.74
C ALA B 93 19.12 -14.07 -3.77
N VAL B 94 18.49 -15.24 -3.91
CA VAL B 94 17.01 -15.35 -3.94
C VAL B 94 16.51 -16.03 -2.66
N ALA B 95 15.48 -15.44 -2.06
CA ALA B 95 14.68 -16.12 -1.01
C ALA B 95 13.36 -16.54 -1.65
N ASP B 96 13.12 -17.85 -1.66
CA ASP B 96 11.78 -18.44 -1.90
CA ASP B 96 11.77 -18.39 -1.91
C ASP B 96 11.00 -18.24 -0.60
N VAL B 97 9.88 -17.53 -0.65
CA VAL B 97 9.08 -17.32 0.58
C VAL B 97 7.87 -18.25 0.53
N SER B 98 7.68 -19.00 1.61
CA SER B 98 6.51 -19.90 1.78
C SER B 98 6.21 -20.05 3.27
N ILE B 99 5.21 -19.30 3.74
CA ILE B 99 4.87 -19.12 5.17
C ILE B 99 3.36 -19.40 5.29
N GLU B 100 2.94 -20.01 6.38
CA GLU B 100 1.52 -19.98 6.78
C GLU B 100 1.51 -19.37 8.16
N ASP B 101 0.66 -18.37 8.40
CA ASP B 101 0.64 -17.69 9.73
C ASP B 101 -0.80 -17.56 10.18
N SER B 102 -1.06 -17.83 11.47
CA SER B 102 -2.41 -17.79 12.10
C SER B 102 -2.66 -16.49 12.85
N VAL B 103 -1.65 -15.63 12.99
CA VAL B 103 -1.77 -14.39 13.82
C VAL B 103 -2.04 -13.18 12.92
N ILE B 104 -1.33 -13.01 11.80
CA ILE B 104 -1.73 -11.97 10.81
C ILE B 104 -3.11 -12.31 10.25
N SER B 105 -3.78 -11.33 9.71
CA SER B 105 -5.07 -11.54 9.03
C SER B 105 -5.20 -10.56 7.86
N LEU B 106 -6.12 -10.83 6.95
CA LEU B 106 -6.49 -9.90 5.88
C LEU B 106 -7.90 -9.36 6.13
N SER B 107 -8.50 -9.72 7.27
CA SER B 107 -9.84 -9.25 7.72
C SER B 107 -9.79 -8.99 9.23
N GLY B 108 -10.66 -8.13 9.76
CA GLY B 108 -10.73 -7.88 11.21
C GLY B 108 -9.56 -7.09 11.75
N ASP B 109 -9.39 -7.04 13.07
CA ASP B 109 -8.63 -5.96 13.75
C ASP B 109 -7.11 -6.18 13.64
N HIS B 110 -6.67 -7.40 13.35
CA HIS B 110 -5.23 -7.73 13.15
C HIS B 110 -4.91 -7.72 11.65
N CYS B 111 -5.65 -6.93 10.90
CA CYS B 111 -5.50 -6.85 9.44
C CYS B 111 -4.20 -6.14 9.07
N ILE B 112 -3.49 -6.70 8.09
CA ILE B 112 -2.20 -6.16 7.65
C ILE B 112 -2.32 -5.35 6.35
N ILE B 113 -3.49 -5.31 5.75
CA ILE B 113 -3.74 -4.45 4.55
C ILE B 113 -3.47 -3.00 4.93
N GLY B 114 -2.74 -2.26 4.07
CA GLY B 114 -2.44 -0.85 4.33
C GLY B 114 -1.26 -0.68 5.25
N ARG B 115 -0.59 -1.77 5.64
CA ARG B 115 0.65 -1.72 6.46
C ARG B 115 1.81 -2.05 5.54
N THR B 116 3.02 -1.98 6.03
CA THR B 116 4.22 -2.16 5.18
C THR B 116 4.87 -3.50 5.53
N LEU B 117 5.19 -4.28 4.52
CA LEU B 117 6.04 -5.46 4.69
C LEU B 117 7.48 -5.01 4.44
N VAL B 118 8.39 -5.44 5.30
CA VAL B 118 9.82 -5.05 5.25
C VAL B 118 10.68 -6.29 5.32
N VAL B 119 11.69 -6.33 4.46
CA VAL B 119 12.76 -7.35 4.57
C VAL B 119 14.02 -6.62 5.03
N HIS B 120 14.63 -7.20 6.05
CA HIS B 120 15.72 -6.55 6.84
C HIS B 120 17.12 -7.05 6.44
N GLU B 121 18.11 -6.28 6.83
CA GLU B 121 19.57 -6.44 6.53
C GLU B 121 20.07 -7.77 7.11
N LYS B 122 19.71 -8.04 8.36
CA LYS B 122 20.31 -9.10 9.19
C LYS B 122 19.22 -10.08 9.63
N ALA B 123 19.65 -11.16 10.28
CA ALA B 123 18.74 -12.16 10.88
C ALA B 123 17.98 -11.54 12.06
N ASP B 124 16.71 -11.90 12.14
CA ASP B 124 15.87 -11.75 13.33
C ASP B 124 16.22 -12.87 14.31
N ASP B 125 16.61 -12.50 15.53
CA ASP B 125 16.96 -13.48 16.60
C ASP B 125 15.71 -13.96 17.33
N LEU B 126 14.51 -13.57 16.84
CA LEU B 126 13.19 -14.06 17.31
C LEU B 126 13.05 -13.78 18.81
N GLY B 127 13.67 -12.71 19.30
CA GLY B 127 13.58 -12.26 20.70
C GLY B 127 14.41 -13.13 21.64
N LYS B 128 15.25 -14.02 21.10
CA LYS B 128 16.07 -14.97 21.91
C LYS B 128 17.51 -14.46 22.01
N GLY B 129 17.79 -13.22 21.59
CA GLY B 129 19.14 -12.63 21.55
C GLY B 129 19.55 -12.14 22.93
N GLY B 130 20.81 -11.81 23.10
CA GLY B 130 21.36 -11.45 24.43
C GLY B 130 21.23 -9.97 24.79
N ASN B 131 20.10 -9.30 24.49
CA ASN B 131 19.99 -7.82 24.70
C ASN B 131 18.54 -7.28 24.65
N GLU B 132 18.39 -5.99 24.98
CA GLU B 132 17.09 -5.29 25.10
C GLU B 132 16.44 -5.19 23.71
N GLU B 133 17.24 -4.92 22.68
CA GLU B 133 16.70 -4.68 21.32
C GLU B 133 16.11 -5.99 20.79
N SER B 134 16.56 -7.16 21.26
CA SER B 134 16.05 -8.48 20.82
C SER B 134 14.52 -8.51 21.04
N THR B 135 14.03 -7.91 22.14
CA THR B 135 12.61 -7.87 22.56
C THR B 135 11.82 -6.79 21.81
N LYS B 136 12.46 -6.02 20.95
CA LYS B 136 11.80 -4.92 20.20
C LYS B 136 11.87 -5.21 18.71
N THR B 137 13.07 -5.42 18.18
CA THR B 137 13.31 -5.54 16.72
C THR B 137 13.87 -6.90 16.32
N GLY B 138 14.32 -7.72 17.27
CA GLY B 138 15.04 -8.96 16.97
C GLY B 138 16.44 -8.70 16.40
N ASN B 139 16.94 -7.45 16.49
CA ASN B 139 18.31 -7.07 16.01
C ASN B 139 18.45 -7.33 14.51
N ALA B 140 17.38 -7.15 13.73
CA ALA B 140 17.40 -7.50 12.29
C ALA B 140 17.96 -6.36 11.44
N GLY B 141 18.28 -5.22 12.05
CA GLY B 141 19.02 -4.15 11.39
C GLY B 141 18.16 -3.39 10.39
N SER B 142 18.81 -2.81 9.39
CA SER B 142 18.22 -1.79 8.51
C SER B 142 17.24 -2.45 7.53
N ARG B 143 16.51 -1.63 6.81
CA ARG B 143 15.40 -2.09 5.96
C ARG B 143 15.88 -2.12 4.52
N LEU B 144 15.99 -3.31 3.93
CA LEU B 144 16.54 -3.42 2.55
C LEU B 144 15.48 -3.05 1.51
N ALA B 145 14.24 -3.46 1.72
CA ALA B 145 13.15 -3.26 0.77
C ALA B 145 11.82 -3.35 1.51
N CYS B 146 10.82 -2.68 0.99
CA CYS B 146 9.51 -2.65 1.65
C CYS B 146 8.44 -2.32 0.63
N GLY B 147 7.21 -2.57 1.01
CA GLY B 147 6.07 -2.15 0.19
C GLY B 147 4.81 -2.12 1.01
N VAL B 148 3.81 -1.40 0.54
CA VAL B 148 2.51 -1.34 1.23
C VAL B 148 1.73 -2.57 0.79
N ILE B 149 1.12 -3.25 1.74
CA ILE B 149 0.28 -4.44 1.45
C ILE B 149 -1.09 -3.97 0.92
N GLY B 150 -1.41 -4.38 -0.30
CA GLY B 150 -2.64 -3.94 -0.97
C GLY B 150 -3.62 -5.08 -1.19
N ILE B 151 -4.88 -4.72 -1.42
CA ILE B 151 -5.96 -5.67 -1.76
C ILE B 151 -5.74 -6.17 -3.18
N ALA B 152 -5.83 -7.49 -3.38
CA ALA B 152 -5.55 -8.12 -4.69
C ALA B 152 -6.87 -8.67 -5.25
N GLN B 153 -6.88 -8.85 -6.57
CA GLN B 153 -8.01 -9.43 -7.31
C GLN B 153 -8.17 -10.90 -6.94
#